data_1NM7
#
_entry.id   1NM7
#
_entity_poly.entity_id   1
_entity_poly.type   'polypeptide(L)'
_entity_poly.pdbx_seq_one_letter_code
;GSHHHHHHFARALYDFVPENPEMEVALKKGDLMAILSKKDPLGRDSDWWKVRTKNGNIGYIPYNYIEII
;
_entity_poly.pdbx_strand_id   A
#
# COMPACT_ATOMS: atom_id res chain seq x y z
N PHE A 9 2.17 -11.75 -0.16
CA PHE A 9 1.63 -10.42 -0.44
C PHE A 9 2.73 -9.39 -0.68
N ALA A 10 2.81 -8.39 0.19
CA ALA A 10 3.79 -7.34 0.05
C ALA A 10 4.44 -6.97 1.37
N ARG A 11 5.51 -6.20 1.28
CA ARG A 11 6.25 -5.74 2.46
C ARG A 11 6.35 -4.23 2.42
N ALA A 12 6.77 -3.64 3.53
CA ALA A 12 6.89 -2.18 3.61
C ALA A 12 8.33 -1.74 3.40
N LEU A 13 8.54 -0.95 2.35
CA LEU A 13 9.87 -0.44 2.02
C LEU A 13 10.25 0.70 2.95
N TYR A 14 9.57 1.83 2.78
CA TYR A 14 9.83 3.00 3.60
C TYR A 14 8.60 3.32 4.46
N ASP A 15 8.82 4.00 5.58
CA ASP A 15 7.74 4.37 6.48
C ASP A 15 6.65 5.13 5.73
N PHE A 16 5.52 4.46 5.47
CA PHE A 16 4.43 5.09 4.76
C PHE A 16 3.50 5.83 5.72
N VAL A 17 2.64 6.69 5.17
CA VAL A 17 1.70 7.46 5.98
C VAL A 17 0.45 7.79 5.16
N PRO A 18 -0.73 7.81 5.80
CA PRO A 18 -1.99 8.12 5.12
C PRO A 18 -1.88 9.30 4.16
N GLU A 19 -1.88 8.99 2.85
CA GLU A 19 -1.78 10.03 1.83
C GLU A 19 -2.82 11.11 2.10
N ASN A 20 -3.99 10.67 2.55
CA ASN A 20 -5.07 11.59 2.87
C ASN A 20 -5.71 11.18 4.19
N PRO A 21 -6.10 12.15 5.03
CA PRO A 21 -6.72 11.87 6.33
C PRO A 21 -8.15 11.41 6.16
N GLU A 22 -8.38 10.57 5.15
CA GLU A 22 -9.71 10.05 4.87
C GLU A 22 -9.66 8.53 4.70
N MET A 23 -8.66 8.05 3.97
CA MET A 23 -8.54 6.61 3.74
C MET A 23 -7.16 6.21 3.21
N GLU A 24 -6.32 5.67 4.10
CA GLU A 24 -5.00 5.20 3.72
C GLU A 24 -4.39 4.37 4.84
N VAL A 25 -3.30 3.68 4.52
CA VAL A 25 -2.63 2.83 5.50
C VAL A 25 -1.35 3.48 6.02
N ALA A 26 -0.84 2.94 7.13
CA ALA A 26 0.39 3.46 7.74
C ALA A 26 1.48 2.40 7.73
N LEU A 27 2.71 2.81 7.45
CA LEU A 27 3.83 1.87 7.40
C LEU A 27 5.05 2.41 8.11
N LYS A 28 5.74 1.53 8.83
CA LYS A 28 6.95 1.87 9.54
C LYS A 28 8.12 1.10 8.95
N LYS A 29 8.96 1.79 8.16
CA LYS A 29 10.13 1.19 7.50
C LYS A 29 10.42 -0.22 8.00
N GLY A 30 10.09 -1.20 7.16
CA GLY A 30 10.31 -2.59 7.53
C GLY A 30 9.02 -3.33 7.77
N ASP A 31 7.93 -2.57 7.89
CA ASP A 31 6.62 -3.11 8.12
C ASP A 31 6.22 -4.08 7.02
N LEU A 32 4.97 -4.55 7.04
CA LEU A 32 4.48 -5.47 6.03
C LEU A 32 3.04 -5.13 5.66
N MET A 33 2.63 -5.50 4.44
CA MET A 33 1.27 -5.21 3.97
C MET A 33 0.83 -6.17 2.86
N ALA A 34 -0.48 -6.39 2.77
CA ALA A 34 -1.04 -7.26 1.74
C ALA A 34 -1.69 -6.42 0.65
N ILE A 35 -1.22 -6.58 -0.59
CA ILE A 35 -1.76 -5.79 -1.69
C ILE A 35 -2.77 -6.58 -2.50
N LEU A 36 -3.82 -5.88 -2.92
CA LEU A 36 -4.90 -6.50 -3.66
C LEU A 36 -5.09 -5.83 -5.02
N SER A 37 -5.39 -4.54 -5.01
CA SER A 37 -5.61 -3.77 -6.25
C SER A 37 -4.30 -3.57 -6.99
N LYS A 38 -4.40 -3.05 -8.21
CA LYS A 38 -3.23 -2.79 -9.04
C LYS A 38 -3.27 -1.35 -9.48
N LYS A 39 -3.30 -1.09 -10.80
CA LYS A 39 -3.45 0.27 -11.25
C LYS A 39 -4.75 0.77 -10.64
N ASP A 40 -5.56 -0.24 -10.28
CA ASP A 40 -6.85 -0.10 -9.60
C ASP A 40 -8.03 -0.34 -10.56
N PRO A 41 -8.22 0.48 -11.62
CA PRO A 41 -9.33 0.30 -12.55
C PRO A 41 -8.95 -0.56 -13.75
N LEU A 42 -8.22 0.03 -14.70
CA LEU A 42 -7.81 -0.68 -15.90
C LEU A 42 -6.76 -1.75 -15.58
N GLY A 43 -5.67 -1.32 -14.94
CA GLY A 43 -4.61 -2.24 -14.59
C GLY A 43 -3.37 -2.00 -15.42
N ARG A 44 -3.11 -0.73 -15.73
CA ARG A 44 -1.96 -0.34 -16.53
C ARG A 44 -0.70 -0.27 -15.68
N ASP A 45 0.27 0.54 -16.11
CA ASP A 45 1.53 0.68 -15.40
C ASP A 45 1.62 1.99 -14.62
N SER A 46 2.00 1.85 -13.34
CA SER A 46 2.16 2.98 -12.42
C SER A 46 2.31 2.43 -11.01
N ASP A 47 2.84 3.22 -10.08
CA ASP A 47 3.01 2.73 -8.73
C ASP A 47 1.95 3.28 -7.78
N TRP A 48 0.88 2.52 -7.61
CA TRP A 48 -0.21 2.89 -6.71
C TRP A 48 -1.12 1.70 -6.50
N TRP A 49 -1.02 1.08 -5.33
CA TRP A 49 -1.83 -0.09 -5.04
C TRP A 49 -2.62 0.07 -3.75
N LYS A 50 -3.55 -0.84 -3.56
CA LYS A 50 -4.39 -0.88 -2.38
C LYS A 50 -3.85 -1.96 -1.47
N VAL A 51 -3.93 -1.75 -0.17
CA VAL A 51 -3.37 -2.72 0.75
C VAL A 51 -4.17 -2.90 2.04
N ARG A 52 -3.83 -3.99 2.73
CA ARG A 52 -4.42 -4.34 4.01
C ARG A 52 -3.30 -4.75 4.96
N THR A 53 -3.07 -3.94 5.98
CA THR A 53 -2.00 -4.20 6.95
C THR A 53 -2.56 -4.80 8.23
N LYS A 54 -2.11 -6.00 8.56
CA LYS A 54 -2.58 -6.69 9.76
C LYS A 54 -4.10 -6.71 9.82
N ASN A 55 -4.71 -6.52 8.65
CA ASN A 55 -6.17 -6.49 8.53
C ASN A 55 -6.77 -5.35 9.33
N GLY A 56 -5.90 -4.46 9.82
CA GLY A 56 -6.34 -3.33 10.59
C GLY A 56 -6.34 -2.04 9.79
N ASN A 57 -5.37 -1.89 8.89
CA ASN A 57 -5.28 -0.68 8.07
C ASN A 57 -5.55 -0.99 6.60
N ILE A 58 -6.64 -0.46 6.07
CA ILE A 58 -7.01 -0.68 4.69
C ILE A 58 -7.04 0.65 3.92
N GLY A 59 -6.23 0.73 2.87
CA GLY A 59 -6.17 1.94 2.07
C GLY A 59 -5.34 1.78 0.82
N TYR A 60 -4.55 2.79 0.48
CA TYR A 60 -3.70 2.72 -0.70
C TYR A 60 -2.23 2.84 -0.31
N ILE A 61 -1.34 2.71 -1.30
CA ILE A 61 0.08 2.79 -1.07
C ILE A 61 0.87 2.72 -2.37
N PRO A 62 1.63 3.79 -2.71
CA PRO A 62 2.45 3.82 -3.92
C PRO A 62 3.27 2.54 -4.05
N TYR A 63 3.38 2.01 -5.27
CA TYR A 63 4.14 0.77 -5.45
C TYR A 63 5.61 0.98 -5.11
N ASN A 64 6.11 2.20 -5.28
CA ASN A 64 7.50 2.51 -5.00
C ASN A 64 7.75 2.63 -3.49
N TYR A 65 6.82 2.13 -2.68
CA TYR A 65 6.95 2.20 -1.23
C TYR A 65 6.70 0.83 -0.59
N ILE A 66 6.53 -0.19 -1.42
CA ILE A 66 6.29 -1.55 -0.92
C ILE A 66 7.03 -2.60 -1.73
N GLU A 67 7.27 -3.74 -1.09
CA GLU A 67 7.98 -4.85 -1.71
C GLU A 67 7.01 -5.93 -2.18
N ILE A 68 7.31 -6.54 -3.32
CA ILE A 68 6.47 -7.60 -3.86
C ILE A 68 7.09 -8.97 -3.56
N ILE A 69 6.36 -9.80 -2.81
CA ILE A 69 6.86 -11.11 -2.45
C ILE A 69 7.38 -11.86 -3.67
N PHE A 9 2.71 -11.68 -0.06
CA PHE A 9 1.91 -10.50 -0.37
C PHE A 9 2.79 -9.29 -0.66
N ALA A 10 2.87 -8.36 0.30
CA ALA A 10 3.68 -7.16 0.11
C ALA A 10 4.41 -6.77 1.39
N ARG A 11 5.49 -6.03 1.21
CA ARG A 11 6.28 -5.55 2.34
C ARG A 11 6.33 -4.03 2.31
N ALA A 12 6.76 -3.45 3.41
CA ALA A 12 6.85 -1.99 3.49
C ALA A 12 8.30 -1.53 3.29
N LEU A 13 8.55 -0.95 2.13
CA LEU A 13 9.87 -0.44 1.79
C LEU A 13 10.23 0.75 2.67
N TYR A 14 9.49 1.84 2.49
CA TYR A 14 9.70 3.04 3.27
C TYR A 14 8.48 3.34 4.14
N ASP A 15 8.74 3.83 5.35
CA ASP A 15 7.68 4.15 6.29
C ASP A 15 6.58 4.97 5.62
N PHE A 16 5.42 4.36 5.37
CA PHE A 16 4.33 5.07 4.73
C PHE A 16 3.50 5.86 5.75
N VAL A 17 2.64 6.75 5.25
CA VAL A 17 1.80 7.57 6.11
C VAL A 17 0.52 7.95 5.37
N PRO A 18 -0.63 7.97 6.05
CA PRO A 18 -1.91 8.32 5.45
C PRO A 18 -1.79 9.44 4.41
N GLU A 19 -1.84 9.07 3.14
CA GLU A 19 -1.74 10.05 2.06
C GLU A 19 -2.76 11.16 2.30
N ASN A 20 -3.91 10.77 2.83
CA ASN A 20 -4.97 11.71 3.14
C ASN A 20 -5.51 11.41 4.54
N PRO A 21 -5.79 12.45 5.34
CA PRO A 21 -6.30 12.26 6.69
C PRO A 21 -7.77 11.85 6.69
N GLU A 22 -8.14 11.02 5.72
CA GLU A 22 -9.51 10.55 5.60
C GLU A 22 -9.54 9.03 5.46
N MET A 23 -8.59 8.47 4.71
CA MET A 23 -8.55 7.03 4.50
C MET A 23 -7.23 6.54 3.92
N GLU A 24 -6.37 6.00 4.77
CA GLU A 24 -5.09 5.44 4.34
C GLU A 24 -4.44 4.64 5.46
N VAL A 25 -3.42 3.88 5.11
CA VAL A 25 -2.71 3.05 6.08
C VAL A 25 -1.37 3.67 6.46
N ALA A 26 -0.92 3.37 7.68
CA ALA A 26 0.36 3.87 8.18
C ALA A 26 1.40 2.75 8.18
N LEU A 27 2.49 2.97 7.47
CA LEU A 27 3.55 1.97 7.39
C LEU A 27 4.84 2.43 8.05
N LYS A 28 5.44 1.55 8.83
CA LYS A 28 6.69 1.83 9.50
C LYS A 28 7.83 1.07 8.81
N LYS A 29 8.74 1.81 8.18
CA LYS A 29 9.87 1.23 7.45
C LYS A 29 10.20 -0.19 7.93
N GLY A 30 10.01 -1.16 7.05
CA GLY A 30 10.27 -2.55 7.39
C GLY A 30 9.00 -3.32 7.60
N ASP A 31 7.88 -2.59 7.74
CA ASP A 31 6.60 -3.19 7.94
C ASP A 31 6.27 -4.17 6.82
N LEU A 32 5.14 -4.86 6.89
CA LEU A 32 4.75 -5.82 5.86
C LEU A 32 3.23 -5.79 5.68
N MET A 33 2.77 -5.53 4.45
CA MET A 33 1.32 -5.44 4.20
C MET A 33 0.88 -6.29 3.00
N ALA A 34 -0.42 -6.51 2.87
CA ALA A 34 -0.96 -7.31 1.76
C ALA A 34 -1.58 -6.41 0.71
N ILE A 35 -1.23 -6.62 -0.56
CA ILE A 35 -1.76 -5.78 -1.64
C ILE A 35 -2.92 -6.45 -2.34
N LEU A 36 -3.87 -5.62 -2.78
CA LEU A 36 -5.06 -6.11 -3.45
C LEU A 36 -5.34 -5.36 -4.76
N SER A 37 -5.21 -4.04 -4.73
CA SER A 37 -5.49 -3.22 -5.91
C SER A 37 -4.30 -3.22 -6.88
N LYS A 38 -4.51 -2.64 -8.05
CA LYS A 38 -3.50 -2.55 -9.08
C LYS A 38 -3.47 -1.14 -9.62
N LYS A 39 -3.78 -0.96 -10.92
CA LYS A 39 -3.87 0.39 -11.45
C LYS A 39 -4.90 1.10 -10.57
N ASP A 40 -5.74 0.24 -9.97
CA ASP A 40 -6.80 0.60 -9.04
C ASP A 40 -8.20 0.41 -9.64
N PRO A 41 -8.51 1.09 -10.77
CA PRO A 41 -9.81 0.96 -11.42
C PRO A 41 -9.87 -0.22 -12.38
N LEU A 42 -9.19 -0.10 -13.52
CA LEU A 42 -9.16 -1.15 -14.52
C LEU A 42 -7.99 -2.09 -14.28
N GLY A 43 -6.78 -1.61 -14.54
CA GLY A 43 -5.59 -2.41 -14.37
C GLY A 43 -4.50 -2.06 -15.35
N ARG A 44 -4.41 -0.79 -15.70
CA ARG A 44 -3.42 -0.31 -16.65
C ARG A 44 -2.03 -0.20 -16.02
N ASP A 45 -1.39 0.97 -16.17
CA ASP A 45 -0.06 1.17 -15.63
C ASP A 45 -0.05 1.96 -14.31
N SER A 46 0.94 2.84 -14.16
CA SER A 46 1.08 3.64 -12.95
C SER A 46 1.41 2.76 -11.76
N ASP A 47 2.15 3.31 -10.79
CA ASP A 47 2.52 2.53 -9.62
C ASP A 47 1.78 3.03 -8.38
N TRP A 48 0.69 2.36 -8.06
CA TRP A 48 -0.13 2.72 -6.90
C TRP A 48 -1.03 1.55 -6.52
N TRP A 49 -0.79 0.97 -5.35
CA TRP A 49 -1.59 -0.17 -4.91
C TRP A 49 -2.25 0.08 -3.57
N LYS A 50 -3.20 -0.77 -3.26
CA LYS A 50 -3.94 -0.72 -2.02
C LYS A 50 -3.43 -1.84 -1.13
N VAL A 51 -3.37 -1.60 0.16
CA VAL A 51 -2.85 -2.62 1.06
C VAL A 51 -3.68 -2.78 2.33
N ARG A 52 -3.83 -4.03 2.74
CA ARG A 52 -4.55 -4.37 3.95
C ARG A 52 -3.53 -4.74 5.01
N THR A 53 -3.56 -4.03 6.14
CA THR A 53 -2.61 -4.27 7.22
C THR A 53 -3.27 -5.01 8.38
N LYS A 54 -2.83 -6.25 8.61
CA LYS A 54 -3.35 -7.07 9.69
C LYS A 54 -4.88 -7.06 9.71
N ASN A 55 -5.48 -6.96 8.53
CA ASN A 55 -6.93 -6.93 8.41
C ASN A 55 -7.51 -5.84 9.30
N GLY A 56 -6.81 -4.72 9.40
CA GLY A 56 -7.25 -3.61 10.22
C GLY A 56 -7.18 -2.28 9.48
N ASN A 57 -6.04 -2.02 8.85
CA ASN A 57 -5.87 -0.78 8.10
C ASN A 57 -5.81 -1.06 6.61
N ILE A 58 -6.87 -0.69 5.91
CA ILE A 58 -6.93 -0.93 4.47
C ILE A 58 -6.99 0.39 3.71
N GLY A 59 -5.92 0.68 2.97
CA GLY A 59 -5.88 1.90 2.19
C GLY A 59 -5.04 1.74 0.93
N TYR A 60 -4.22 2.74 0.63
CA TYR A 60 -3.38 2.67 -0.56
C TYR A 60 -1.90 2.83 -0.21
N ILE A 61 -1.06 2.75 -1.23
CA ILE A 61 0.39 2.89 -1.06
C ILE A 61 1.12 2.78 -2.40
N PRO A 62 1.88 3.82 -2.77
CA PRO A 62 2.65 3.83 -4.02
C PRO A 62 3.42 2.53 -4.21
N TYR A 63 3.53 2.06 -5.44
CA TYR A 63 4.24 0.80 -5.68
C TYR A 63 5.72 0.93 -5.29
N ASN A 64 6.26 2.13 -5.42
CA ASN A 64 7.67 2.37 -5.08
C ASN A 64 7.87 2.53 -3.58
N TYR A 65 6.86 2.16 -2.80
CA TYR A 65 6.95 2.26 -1.34
C TYR A 65 6.72 0.90 -0.67
N ILE A 66 6.47 -0.12 -1.49
CA ILE A 66 6.22 -1.46 -0.96
C ILE A 66 6.96 -2.52 -1.78
N GLU A 67 7.12 -3.70 -1.18
CA GLU A 67 7.81 -4.81 -1.83
C GLU A 67 6.81 -5.84 -2.34
N ILE A 68 7.19 -6.56 -3.38
CA ILE A 68 6.33 -7.60 -3.96
C ILE A 68 6.88 -8.99 -3.64
N ILE A 69 6.17 -9.72 -2.79
CA ILE A 69 6.60 -11.06 -2.40
C ILE A 69 5.66 -12.12 -2.95
N PHE A 9 2.63 -11.80 -0.04
CA PHE A 9 1.85 -10.68 -0.58
C PHE A 9 2.77 -9.48 -0.85
N ALA A 10 2.82 -8.55 0.10
CA ALA A 10 3.65 -7.36 -0.07
C ALA A 10 4.35 -6.98 1.23
N ARG A 11 5.36 -6.13 1.10
CA ARG A 11 6.11 -5.66 2.24
C ARG A 11 6.24 -4.15 2.20
N ALA A 12 6.64 -3.56 3.32
CA ALA A 12 6.78 -2.10 3.38
C ALA A 12 8.24 -1.68 3.23
N LEU A 13 8.53 -1.02 2.11
CA LEU A 13 9.89 -0.54 1.82
C LEU A 13 10.29 0.49 2.87
N TYR A 14 9.58 1.60 2.87
CA TYR A 14 9.84 2.68 3.81
C TYR A 14 8.57 3.07 4.56
N ASP A 15 8.73 3.70 5.72
CA ASP A 15 7.60 4.12 6.54
C ASP A 15 6.62 4.97 5.72
N PHE A 16 5.44 4.42 5.43
CA PHE A 16 4.45 5.16 4.67
C PHE A 16 3.51 5.92 5.61
N VAL A 17 2.83 6.94 5.08
CA VAL A 17 1.92 7.74 5.90
C VAL A 17 0.75 8.25 5.05
N PRO A 18 -0.49 8.08 5.56
CA PRO A 18 -1.70 8.51 4.86
C PRO A 18 -1.53 9.84 4.13
N GLU A 19 -1.36 9.78 2.80
CA GLU A 19 -1.20 10.97 1.99
C GLU A 19 -2.30 11.97 2.30
N ASN A 20 -3.53 11.45 2.43
CA ASN A 20 -4.67 12.30 2.75
C ASN A 20 -5.39 11.74 3.98
N PRO A 21 -5.82 12.62 4.90
CA PRO A 21 -6.52 12.19 6.11
C PRO A 21 -7.96 11.77 5.81
N GLU A 22 -8.11 10.97 4.76
CA GLU A 22 -9.42 10.49 4.35
C GLU A 22 -9.40 8.99 4.08
N MET A 23 -8.37 8.52 3.37
CA MET A 23 -8.27 7.10 3.07
C MET A 23 -6.84 6.69 2.72
N GLU A 24 -6.14 6.10 3.68
CA GLU A 24 -4.79 5.62 3.46
C GLU A 24 -4.29 4.82 4.64
N VAL A 25 -3.16 4.15 4.45
CA VAL A 25 -2.57 3.33 5.51
C VAL A 25 -1.31 3.99 6.07
N ALA A 26 -1.05 3.73 7.35
CA ALA A 26 0.14 4.26 8.02
C ALA A 26 1.16 3.15 8.18
N LEU A 27 2.23 3.21 7.38
CA LEU A 27 3.26 2.17 7.41
C LEU A 27 4.53 2.62 8.13
N LYS A 28 5.08 1.71 8.92
CA LYS A 28 6.32 1.95 9.64
C LYS A 28 7.42 1.11 9.00
N LYS A 29 8.45 1.77 8.46
CA LYS A 29 9.55 1.09 7.78
C LYS A 29 9.74 -0.35 8.24
N GLY A 30 9.83 -1.25 7.27
CA GLY A 30 10.00 -2.66 7.57
C GLY A 30 8.67 -3.36 7.75
N ASP A 31 7.59 -2.58 7.77
CA ASP A 31 6.27 -3.11 7.93
C ASP A 31 5.96 -4.11 6.83
N LEU A 32 4.83 -4.80 6.93
CA LEU A 32 4.44 -5.78 5.92
C LEU A 32 2.93 -5.65 5.64
N MET A 33 2.54 -5.76 4.37
CA MET A 33 1.12 -5.61 4.01
C MET A 33 0.72 -6.49 2.83
N ALA A 34 -0.59 -6.65 2.64
CA ALA A 34 -1.13 -7.45 1.54
C ALA A 34 -1.68 -6.53 0.46
N ILE A 35 -1.36 -6.83 -0.80
CA ILE A 35 -1.82 -5.99 -1.91
C ILE A 35 -3.03 -6.59 -2.59
N LEU A 36 -4.03 -5.74 -2.83
CA LEU A 36 -5.28 -6.18 -3.43
C LEU A 36 -5.72 -5.27 -4.58
N SER A 37 -4.92 -4.28 -4.92
CA SER A 37 -5.27 -3.36 -6.01
C SER A 37 -4.23 -3.38 -7.12
N LYS A 38 -4.58 -2.76 -8.25
CA LYS A 38 -3.71 -2.70 -9.40
C LYS A 38 -3.67 -1.26 -9.89
N LYS A 39 -4.09 -1.03 -11.13
CA LYS A 39 -4.19 0.34 -11.62
C LYS A 39 -5.15 1.03 -10.66
N ASP A 40 -5.93 0.16 -10.00
CA ASP A 40 -6.95 0.50 -8.99
C ASP A 40 -8.37 0.30 -9.53
N PRO A 41 -8.78 1.02 -10.60
CA PRO A 41 -10.12 0.90 -11.16
C PRO A 41 -10.22 -0.23 -12.19
N LEU A 42 -9.49 -0.09 -13.29
CA LEU A 42 -9.49 -1.10 -14.34
C LEU A 42 -8.34 -2.07 -14.17
N GLY A 43 -7.14 -1.61 -14.52
CA GLY A 43 -5.96 -2.45 -14.40
C GLY A 43 -4.92 -2.12 -15.45
N ARG A 44 -4.84 -0.84 -15.81
CA ARG A 44 -3.90 -0.37 -16.82
C ARG A 44 -2.47 -0.31 -16.27
N ASP A 45 -1.85 0.88 -16.34
CA ASP A 45 -0.48 1.06 -15.88
C ASP A 45 -0.40 1.81 -14.54
N SER A 46 0.64 2.63 -14.39
CA SER A 46 0.87 3.39 -13.17
C SER A 46 1.16 2.45 -12.01
N ASP A 47 1.92 2.92 -11.02
CA ASP A 47 2.25 2.08 -9.89
C ASP A 47 1.65 2.62 -8.59
N TRP A 48 0.49 2.07 -8.23
CA TRP A 48 -0.22 2.45 -7.02
C TRP A 48 -1.18 1.35 -6.63
N TRP A 49 -0.99 0.76 -5.46
CA TRP A 49 -1.86 -0.31 -5.02
C TRP A 49 -2.46 -0.03 -3.64
N LYS A 50 -3.47 -0.80 -3.30
CA LYS A 50 -4.13 -0.71 -2.03
C LYS A 50 -3.65 -1.87 -1.17
N VAL A 51 -3.26 -1.58 0.05
CA VAL A 51 -2.74 -2.62 0.91
C VAL A 51 -3.43 -2.67 2.26
N ARG A 52 -3.31 -3.82 2.91
CA ARG A 52 -3.88 -4.03 4.23
C ARG A 52 -2.77 -4.45 5.18
N THR A 53 -2.57 -3.68 6.24
CA THR A 53 -1.52 -3.97 7.21
C THR A 53 -2.09 -4.59 8.47
N LYS A 54 -1.42 -5.62 8.98
CA LYS A 54 -1.84 -6.31 10.18
C LYS A 54 -3.35 -6.53 10.21
N ASN A 55 -3.92 -6.73 9.02
CA ASN A 55 -5.35 -6.94 8.87
C ASN A 55 -6.13 -5.81 9.55
N GLY A 56 -5.76 -4.57 9.26
CA GLY A 56 -6.43 -3.45 9.86
C GLY A 56 -6.22 -2.15 9.13
N ASN A 57 -4.98 -1.84 8.74
CA ASN A 57 -4.73 -0.60 8.02
C ASN A 57 -4.97 -0.81 6.54
N ILE A 58 -6.25 -0.72 6.15
CA ILE A 58 -6.64 -0.91 4.77
C ILE A 58 -6.79 0.42 4.04
N GLY A 59 -5.82 0.71 3.17
CA GLY A 59 -5.85 1.94 2.40
C GLY A 59 -5.05 1.79 1.12
N TYR A 60 -4.52 2.89 0.60
CA TYR A 60 -3.72 2.83 -0.62
C TYR A 60 -2.25 2.94 -0.28
N ILE A 61 -1.39 2.73 -1.27
CA ILE A 61 0.05 2.81 -1.08
C ILE A 61 0.78 2.86 -2.42
N PRO A 62 1.75 3.78 -2.54
CA PRO A 62 2.55 3.93 -3.75
C PRO A 62 3.43 2.70 -3.97
N TYR A 63 3.52 2.21 -5.19
CA TYR A 63 4.33 1.02 -5.45
C TYR A 63 5.79 1.26 -5.08
N ASN A 64 6.22 2.51 -5.13
CA ASN A 64 7.60 2.87 -4.81
C ASN A 64 7.87 2.82 -3.31
N TYR A 65 6.87 2.40 -2.52
CA TYR A 65 7.03 2.33 -1.07
C TYR A 65 6.73 0.93 -0.54
N ILE A 66 6.54 -0.03 -1.45
CA ILE A 66 6.25 -1.40 -1.05
C ILE A 66 6.91 -2.42 -1.96
N GLU A 67 7.32 -3.54 -1.38
CA GLU A 67 7.97 -4.61 -2.13
C GLU A 67 6.96 -5.71 -2.48
N ILE A 68 7.33 -6.54 -3.46
CA ILE A 68 6.47 -7.64 -3.88
C ILE A 68 7.10 -8.98 -3.53
N ILE A 69 6.34 -9.84 -2.86
CA ILE A 69 6.84 -11.14 -2.46
C ILE A 69 6.07 -12.26 -3.14
N PHE A 9 2.66 -11.74 -0.11
CA PHE A 9 1.95 -10.63 -0.73
C PHE A 9 2.86 -9.44 -0.92
N ALA A 10 2.84 -8.52 0.05
CA ALA A 10 3.67 -7.33 -0.03
C ALA A 10 4.31 -6.99 1.30
N ARG A 11 5.30 -6.12 1.23
CA ARG A 11 6.02 -5.66 2.40
C ARG A 11 6.29 -4.18 2.25
N ALA A 12 6.67 -3.53 3.34
CA ALA A 12 6.95 -2.10 3.27
C ALA A 12 8.44 -1.84 3.17
N LEU A 13 8.82 -0.99 2.23
CA LEU A 13 10.22 -0.62 2.03
C LEU A 13 10.55 0.56 2.92
N TYR A 14 9.63 1.50 2.97
CA TYR A 14 9.79 2.70 3.78
C TYR A 14 8.51 3.00 4.56
N ASP A 15 8.60 3.91 5.53
CA ASP A 15 7.46 4.29 6.35
C ASP A 15 6.47 5.14 5.55
N PHE A 16 5.28 4.59 5.28
CA PHE A 16 4.29 5.33 4.53
C PHE A 16 3.31 6.06 5.46
N VAL A 17 2.45 6.91 4.88
CA VAL A 17 1.48 7.69 5.66
C VAL A 17 0.27 7.99 4.78
N PRO A 18 -0.95 7.98 5.35
CA PRO A 18 -2.18 8.27 4.61
C PRO A 18 -2.00 9.39 3.58
N GLU A 19 -1.90 9.01 2.31
CA GLU A 19 -1.73 9.99 1.24
C GLU A 19 -2.79 11.08 1.37
N ASN A 20 -3.98 10.69 1.80
CA ASN A 20 -5.08 11.62 1.98
C ASN A 20 -5.82 11.29 3.26
N PRO A 21 -6.33 12.31 3.99
CA PRO A 21 -7.06 12.09 5.23
C PRO A 21 -8.46 11.58 4.96
N GLU A 22 -8.57 10.70 3.98
CA GLU A 22 -9.85 10.12 3.60
C GLU A 22 -9.78 8.59 3.59
N MET A 23 -8.70 8.05 3.01
CA MET A 23 -8.56 6.60 2.95
C MET A 23 -7.14 6.16 2.58
N GLU A 24 -6.37 5.74 3.58
CA GLU A 24 -5.03 5.23 3.36
C GLU A 24 -4.47 4.62 4.63
N VAL A 25 -3.39 3.87 4.50
CA VAL A 25 -2.75 3.23 5.63
C VAL A 25 -1.40 3.87 5.94
N ALA A 26 -0.99 3.80 7.20
CA ALA A 26 0.29 4.35 7.62
C ALA A 26 1.30 3.22 7.77
N LEU A 27 2.34 3.28 6.96
CA LEU A 27 3.36 2.24 6.96
C LEU A 27 4.63 2.68 7.67
N LYS A 28 5.41 1.68 8.09
CA LYS A 28 6.68 1.94 8.77
C LYS A 28 7.71 0.87 8.41
N LYS A 29 8.63 1.23 7.53
CA LYS A 29 9.70 0.36 7.06
C LYS A 29 9.34 -1.13 7.10
N GLY A 30 9.73 -1.82 8.17
CA GLY A 30 9.47 -3.24 8.28
C GLY A 30 8.00 -3.60 8.30
N ASP A 31 7.13 -2.67 7.94
CA ASP A 31 5.71 -2.91 7.92
C ASP A 31 5.36 -3.88 6.78
N LEU A 32 4.69 -4.97 7.08
CA LEU A 32 4.32 -5.91 6.03
C LEU A 32 2.82 -5.78 5.71
N MET A 33 2.45 -5.86 4.43
CA MET A 33 1.04 -5.71 4.05
C MET A 33 0.68 -6.57 2.83
N ALA A 34 -0.62 -6.72 2.60
CA ALA A 34 -1.12 -7.50 1.47
C ALA A 34 -1.65 -6.54 0.39
N ILE A 35 -1.62 -6.97 -0.86
CA ILE A 35 -2.08 -6.13 -1.97
C ILE A 35 -3.46 -6.55 -2.46
N LEU A 36 -4.30 -5.57 -2.78
CA LEU A 36 -5.64 -5.84 -3.26
C LEU A 36 -5.95 -5.10 -4.56
N SER A 37 -5.52 -3.84 -4.65
CA SER A 37 -5.76 -3.03 -5.84
C SER A 37 -4.51 -2.94 -6.72
N LYS A 38 -4.71 -2.45 -7.95
CA LYS A 38 -3.61 -2.30 -8.91
C LYS A 38 -3.67 -0.88 -9.45
N LYS A 39 -3.89 -0.72 -10.77
CA LYS A 39 -4.06 0.62 -11.32
C LYS A 39 -5.15 1.26 -10.46
N ASP A 40 -5.98 0.36 -9.93
CA ASP A 40 -7.09 0.65 -9.03
C ASP A 40 -8.45 0.45 -9.70
N PRO A 41 -8.75 1.18 -10.79
CA PRO A 41 -10.03 1.06 -11.49
C PRO A 41 -10.02 -0.01 -12.57
N LEU A 42 -9.55 0.36 -13.76
CA LEU A 42 -9.49 -0.57 -14.88
C LEU A 42 -8.37 -1.58 -14.72
N GLY A 43 -7.18 -1.09 -14.37
CA GLY A 43 -6.04 -1.97 -14.20
C GLY A 43 -4.96 -1.71 -15.24
N ARG A 44 -4.77 -0.44 -15.56
CA ARG A 44 -3.77 -0.05 -16.56
C ARG A 44 -2.36 -0.03 -15.96
N ASP A 45 -1.70 1.14 -16.01
CA ASP A 45 -0.34 1.27 -15.52
C ASP A 45 -0.24 2.08 -14.22
N SER A 46 0.86 2.80 -14.05
CA SER A 46 1.12 3.60 -12.86
C SER A 46 1.32 2.72 -11.65
N ASP A 47 2.10 3.20 -10.68
CA ASP A 47 2.38 2.43 -9.50
C ASP A 47 1.62 2.97 -8.27
N TRP A 48 0.50 2.34 -7.97
CA TRP A 48 -0.32 2.73 -6.84
C TRP A 48 -1.23 1.58 -6.43
N TRP A 49 -0.89 0.92 -5.33
CA TRP A 49 -1.70 -0.19 -4.85
C TRP A 49 -2.22 0.05 -3.46
N LYS A 50 -3.30 -0.63 -3.12
CA LYS A 50 -3.91 -0.53 -1.82
C LYS A 50 -3.53 -1.78 -1.02
N VAL A 51 -3.14 -1.59 0.24
CA VAL A 51 -2.72 -2.72 1.06
C VAL A 51 -3.40 -2.75 2.42
N ARG A 52 -3.32 -3.92 3.04
CA ARG A 52 -3.88 -4.14 4.37
C ARG A 52 -2.81 -4.70 5.29
N THR A 53 -2.55 -4.03 6.39
CA THR A 53 -1.54 -4.47 7.34
C THR A 53 -2.20 -5.12 8.54
N LYS A 54 -1.84 -6.38 8.81
CA LYS A 54 -2.41 -7.11 9.92
C LYS A 54 -3.93 -7.08 9.87
N ASN A 55 -4.45 -6.93 8.65
CA ASN A 55 -5.90 -6.87 8.43
C ASN A 55 -6.52 -5.79 9.31
N GLY A 56 -5.71 -4.78 9.63
CA GLY A 56 -6.18 -3.69 10.46
C GLY A 56 -6.12 -2.35 9.74
N ASN A 57 -5.03 -2.12 8.99
CA ASN A 57 -4.89 -0.86 8.26
C ASN A 57 -5.20 -1.06 6.78
N ILE A 58 -6.36 -0.56 6.36
CA ILE A 58 -6.78 -0.68 4.98
C ILE A 58 -6.69 0.67 4.26
N GLY A 59 -5.75 0.78 3.34
CA GLY A 59 -5.57 2.03 2.62
C GLY A 59 -4.78 1.85 1.33
N TYR A 60 -4.36 2.97 0.71
CA TYR A 60 -3.60 2.87 -0.53
C TYR A 60 -2.10 3.03 -0.24
N ILE A 61 -1.27 2.88 -1.27
CA ILE A 61 0.17 2.99 -1.11
C ILE A 61 0.91 2.81 -2.43
N PRO A 62 1.67 3.84 -2.86
CA PRO A 62 2.45 3.79 -4.09
C PRO A 62 3.25 2.50 -4.20
N TYR A 63 3.42 1.97 -5.41
CA TYR A 63 4.16 0.72 -5.57
C TYR A 63 5.65 0.93 -5.29
N ASN A 64 6.13 2.15 -5.50
CA ASN A 64 7.54 2.47 -5.29
C ASN A 64 7.88 2.59 -3.81
N TYR A 65 6.91 2.28 -2.94
CA TYR A 65 7.14 2.37 -1.50
C TYR A 65 7.06 1.00 -0.84
N ILE A 66 6.28 0.09 -1.42
CA ILE A 66 6.12 -1.26 -0.88
C ILE A 66 6.79 -2.30 -1.77
N GLU A 67 7.52 -3.22 -1.14
CA GLU A 67 8.19 -4.28 -1.88
C GLU A 67 7.24 -5.45 -2.17
N ILE A 68 7.52 -6.18 -3.24
CA ILE A 68 6.69 -7.32 -3.62
C ILE A 68 7.37 -8.63 -3.23
N ILE A 69 6.59 -9.57 -2.71
CA ILE A 69 7.13 -10.87 -2.30
C ILE A 69 6.48 -12.00 -3.07
N PHE A 9 2.68 -11.74 -0.26
CA PHE A 9 1.96 -10.50 -0.49
C PHE A 9 2.93 -9.34 -0.71
N ALA A 10 3.00 -8.42 0.26
CA ALA A 10 3.88 -7.28 0.14
C ALA A 10 4.51 -6.92 1.48
N ARG A 11 5.54 -6.08 1.42
CA ARG A 11 6.24 -5.64 2.62
C ARG A 11 6.42 -4.14 2.57
N ALA A 12 6.81 -3.56 3.69
CA ALA A 12 7.01 -2.11 3.75
C ALA A 12 8.48 -1.75 3.65
N LEU A 13 8.89 -1.27 2.47
CA LEU A 13 10.27 -0.88 2.23
C LEU A 13 10.60 0.40 3.00
N TYR A 14 9.85 1.46 2.69
CA TYR A 14 10.05 2.74 3.35
C TYR A 14 8.83 3.09 4.21
N ASP A 15 9.08 3.74 5.34
CA ASP A 15 8.02 4.13 6.25
C ASP A 15 6.95 4.94 5.51
N PHE A 16 5.78 4.34 5.30
CA PHE A 16 4.70 5.02 4.60
C PHE A 16 3.86 5.84 5.58
N VAL A 17 3.11 6.81 5.05
CA VAL A 17 2.27 7.67 5.86
C VAL A 17 1.08 8.20 5.06
N PRO A 18 -0.11 8.29 5.68
CA PRO A 18 -1.32 8.77 5.02
C PRO A 18 -1.09 10.06 4.23
N GLU A 19 -0.90 9.94 2.93
CA GLU A 19 -0.69 11.10 2.07
C GLU A 19 -1.84 12.08 2.25
N ASN A 20 -3.02 11.54 2.53
CA ASN A 20 -4.20 12.37 2.74
C ASN A 20 -4.90 11.94 4.04
N PRO A 21 -5.24 12.90 4.91
CA PRO A 21 -5.91 12.60 6.18
C PRO A 21 -7.37 12.23 5.96
N GLU A 22 -7.64 11.47 4.91
CA GLU A 22 -8.99 11.06 4.58
C GLU A 22 -9.04 9.55 4.32
N MET A 23 -8.01 9.01 3.67
CA MET A 23 -7.98 7.60 3.36
C MET A 23 -6.58 7.10 3.02
N GLU A 24 -5.92 6.46 3.97
CA GLU A 24 -4.60 5.90 3.75
C GLU A 24 -4.15 5.01 4.89
N VAL A 25 -3.07 4.27 4.67
CA VAL A 25 -2.54 3.37 5.69
C VAL A 25 -1.19 3.87 6.21
N ALA A 26 -0.76 3.30 7.35
CA ALA A 26 0.51 3.68 7.95
C ALA A 26 1.52 2.54 7.86
N LEU A 27 2.77 2.89 7.62
CA LEU A 27 3.84 1.89 7.50
C LEU A 27 5.13 2.38 8.15
N LYS A 28 5.68 1.57 9.03
CA LYS A 28 6.93 1.90 9.70
C LYS A 28 8.06 1.08 9.09
N LYS A 29 8.95 1.76 8.36
CA LYS A 29 10.09 1.12 7.70
C LYS A 29 10.37 -0.28 8.23
N GLY A 30 10.13 -1.28 7.39
CA GLY A 30 10.34 -2.66 7.78
C GLY A 30 9.02 -3.35 8.01
N ASP A 31 7.94 -2.56 8.05
CA ASP A 31 6.62 -3.07 8.26
C ASP A 31 6.23 -4.05 7.14
N LEU A 32 4.98 -4.51 7.15
CA LEU A 32 4.51 -5.45 6.14
C LEU A 32 3.06 -5.13 5.75
N MET A 33 2.66 -5.57 4.56
CA MET A 33 1.30 -5.29 4.07
C MET A 33 0.87 -6.27 2.97
N ALA A 34 -0.44 -6.51 2.89
CA ALA A 34 -1.00 -7.39 1.87
C ALA A 34 -1.74 -6.56 0.84
N ILE A 35 -1.28 -6.59 -0.41
CA ILE A 35 -1.90 -5.78 -1.45
C ILE A 35 -2.85 -6.60 -2.32
N LEU A 36 -3.80 -5.90 -2.93
CA LEU A 36 -4.80 -6.54 -3.77
C LEU A 36 -4.94 -5.85 -5.13
N SER A 37 -5.66 -4.73 -5.14
CA SER A 37 -5.90 -3.97 -6.38
C SER A 37 -4.61 -3.62 -7.11
N LYS A 38 -4.75 -3.04 -8.29
CA LYS A 38 -3.61 -2.64 -9.12
C LYS A 38 -3.80 -1.20 -9.53
N LYS A 39 -3.89 -0.92 -10.84
CA LYS A 39 -4.18 0.43 -11.27
C LYS A 39 -5.46 0.83 -10.59
N ASP A 40 -6.20 -0.24 -10.22
CA ASP A 40 -7.46 -0.20 -9.48
C ASP A 40 -8.68 -0.44 -10.39
N PRO A 41 -8.97 0.45 -11.37
CA PRO A 41 -10.12 0.28 -12.25
C PRO A 41 -9.76 -0.43 -13.56
N LEU A 42 -9.23 0.34 -14.52
CA LEU A 42 -8.87 -0.21 -15.82
C LEU A 42 -7.78 -1.29 -15.67
N GLY A 43 -6.81 -1.02 -14.80
CA GLY A 43 -5.73 -1.97 -14.60
C GLY A 43 -4.58 -1.73 -15.56
N ARG A 44 -4.30 -0.46 -15.82
CA ARG A 44 -3.22 -0.09 -16.73
C ARG A 44 -1.88 -0.01 -16.00
N ASP A 45 -0.99 0.85 -16.50
CA ASP A 45 0.32 1.01 -15.89
C ASP A 45 0.43 2.29 -15.07
N SER A 46 0.98 2.13 -13.87
CA SER A 46 1.18 3.22 -12.91
C SER A 46 1.45 2.63 -11.54
N ASP A 47 2.03 3.39 -10.63
CA ASP A 47 2.32 2.86 -9.32
C ASP A 47 1.34 3.37 -8.26
N TRP A 48 0.34 2.55 -7.98
CA TRP A 48 -0.67 2.86 -6.98
C TRP A 48 -1.48 1.62 -6.66
N TRP A 49 -1.35 1.12 -5.45
CA TRP A 49 -2.08 -0.09 -5.07
C TRP A 49 -2.91 0.10 -3.81
N LYS A 50 -3.80 -0.86 -3.61
CA LYS A 50 -4.65 -0.89 -2.42
C LYS A 50 -4.10 -1.97 -1.50
N VAL A 51 -4.14 -1.74 -0.20
CA VAL A 51 -3.57 -2.71 0.70
C VAL A 51 -4.20 -2.73 2.09
N ARG A 52 -4.21 -3.92 2.68
CA ARG A 52 -4.70 -4.13 4.02
C ARG A 52 -3.53 -4.57 4.89
N THR A 53 -3.27 -3.84 5.98
CA THR A 53 -2.16 -4.17 6.86
C THR A 53 -2.64 -4.85 8.13
N LYS A 54 -1.94 -5.91 8.52
CA LYS A 54 -2.30 -6.66 9.72
C LYS A 54 -3.79 -6.97 9.71
N ASN A 55 -4.35 -7.02 8.51
CA ASN A 55 -5.78 -7.30 8.33
C ASN A 55 -6.62 -6.22 9.00
N GLY A 56 -6.30 -4.96 8.73
CA GLY A 56 -7.04 -3.87 9.32
C GLY A 56 -6.87 -2.55 8.60
N ASN A 57 -5.63 -2.17 8.29
CA ASN A 57 -5.39 -0.91 7.60
C ASN A 57 -5.66 -1.08 6.11
N ILE A 58 -6.91 -0.89 5.72
CA ILE A 58 -7.32 -1.04 4.34
C ILE A 58 -7.35 0.30 3.60
N GLY A 59 -6.24 0.63 2.94
CA GLY A 59 -6.15 1.87 2.20
C GLY A 59 -5.39 1.69 0.90
N TYR A 60 -4.51 2.63 0.58
CA TYR A 60 -3.73 2.54 -0.65
C TYR A 60 -2.26 2.86 -0.37
N ILE A 61 -1.42 2.66 -1.38
CA ILE A 61 0.01 2.93 -1.24
C ILE A 61 0.71 2.95 -2.60
N PRO A 62 1.34 4.08 -2.95
CA PRO A 62 2.08 4.22 -4.20
C PRO A 62 2.97 3.01 -4.44
N TYR A 63 2.93 2.45 -5.65
CA TYR A 63 3.76 1.27 -5.93
C TYR A 63 5.23 1.67 -6.04
N ASN A 64 5.94 1.57 -4.91
CA ASN A 64 7.36 1.91 -4.84
C ASN A 64 7.85 1.83 -3.40
N TYR A 65 6.98 2.21 -2.46
CA TYR A 65 7.32 2.19 -1.05
C TYR A 65 7.15 0.80 -0.46
N ILE A 66 6.45 -0.08 -1.17
CA ILE A 66 6.21 -1.43 -0.70
C ILE A 66 6.89 -2.48 -1.56
N GLU A 67 7.42 -3.50 -0.91
CA GLU A 67 8.10 -4.60 -1.60
C GLU A 67 7.10 -5.63 -2.09
N ILE A 68 7.45 -6.32 -3.18
CA ILE A 68 6.57 -7.34 -3.75
C ILE A 68 7.18 -8.73 -3.58
N ILE A 69 6.41 -9.65 -3.00
CA ILE A 69 6.90 -11.02 -2.79
C ILE A 69 6.11 -12.02 -3.63
N PHE A 9 3.01 -11.94 0.70
CA PHE A 9 2.11 -10.94 0.19
C PHE A 9 2.90 -9.71 -0.27
N ALA A 10 2.95 -8.70 0.59
CA ALA A 10 3.69 -7.49 0.26
C ALA A 10 4.45 -6.97 1.47
N ARG A 11 5.48 -6.20 1.20
CA ARG A 11 6.29 -5.63 2.26
C ARG A 11 6.40 -4.13 2.08
N ALA A 12 6.81 -3.44 3.13
CA ALA A 12 6.97 -1.99 3.05
C ALA A 12 8.44 -1.61 2.88
N LEU A 13 8.69 -0.67 1.98
CA LEU A 13 10.05 -0.21 1.70
C LEU A 13 10.45 0.86 2.72
N TYR A 14 9.61 1.88 2.82
CA TYR A 14 9.85 2.98 3.74
C TYR A 14 8.59 3.30 4.52
N ASP A 15 8.75 3.84 5.72
CA ASP A 15 7.62 4.19 6.57
C ASP A 15 6.60 5.03 5.80
N PHE A 16 5.45 4.43 5.47
CA PHE A 16 4.42 5.14 4.74
C PHE A 16 3.51 5.92 5.69
N VAL A 17 2.62 6.76 5.13
CA VAL A 17 1.71 7.57 5.93
C VAL A 17 0.50 7.97 5.09
N PRO A 18 -0.70 8.05 5.71
CA PRO A 18 -1.94 8.42 5.01
C PRO A 18 -1.77 9.66 4.13
N GLU A 19 -1.57 9.44 2.83
CA GLU A 19 -1.42 10.54 1.90
C GLU A 19 -2.63 11.46 2.00
N ASN A 20 -3.78 10.88 2.31
CA ASN A 20 -5.01 11.64 2.46
C ASN A 20 -5.65 11.32 3.80
N PRO A 21 -6.03 12.35 4.59
CA PRO A 21 -6.65 12.14 5.91
C PRO A 21 -8.10 11.71 5.76
N GLU A 22 -8.36 10.84 4.80
CA GLU A 22 -9.69 10.34 4.55
C GLU A 22 -9.67 8.83 4.36
N MET A 23 -8.66 8.33 3.64
CA MET A 23 -8.55 6.90 3.40
C MET A 23 -7.13 6.47 3.01
N GLU A 24 -6.38 5.94 3.96
CA GLU A 24 -5.04 5.43 3.69
C GLU A 24 -4.50 4.65 4.88
N VAL A 25 -3.39 3.95 4.65
CA VAL A 25 -2.77 3.15 5.71
C VAL A 25 -1.40 3.71 6.10
N ALA A 26 -1.00 3.44 7.34
CA ALA A 26 0.29 3.89 7.84
C ALA A 26 1.27 2.73 7.86
N LEU A 27 2.48 2.96 7.37
CA LEU A 27 3.48 1.91 7.30
C LEU A 27 4.77 2.30 8.00
N LYS A 28 5.40 1.32 8.64
CA LYS A 28 6.66 1.53 9.34
C LYS A 28 7.78 0.75 8.65
N LYS A 29 8.59 1.47 7.87
CA LYS A 29 9.71 0.90 7.12
C LYS A 29 9.54 -0.59 6.81
N GLY A 30 10.12 -1.45 7.65
CA GLY A 30 10.05 -2.89 7.42
C GLY A 30 8.68 -3.50 7.68
N ASP A 31 7.63 -2.70 7.55
CA ASP A 31 6.29 -3.18 7.77
C ASP A 31 5.83 -4.02 6.59
N LEU A 32 5.35 -5.24 6.84
CA LEU A 32 4.90 -6.09 5.75
C LEU A 32 3.37 -6.09 5.68
N MET A 33 2.82 -5.77 4.49
CA MET A 33 1.37 -5.69 4.32
C MET A 33 0.89 -6.47 3.08
N ALA A 34 -0.42 -6.68 2.95
CA ALA A 34 -0.97 -7.42 1.81
C ALA A 34 -1.62 -6.46 0.80
N ILE A 35 -1.23 -6.57 -0.47
CA ILE A 35 -1.74 -5.65 -1.49
C ILE A 35 -2.88 -6.26 -2.30
N LEU A 36 -3.92 -5.47 -2.49
CA LEU A 36 -5.10 -5.88 -3.24
C LEU A 36 -5.47 -4.85 -4.31
N SER A 37 -4.48 -4.44 -5.11
CA SER A 37 -4.70 -3.46 -6.17
C SER A 37 -3.50 -3.39 -7.10
N LYS A 38 -3.72 -2.91 -8.33
CA LYS A 38 -2.70 -2.80 -9.33
C LYS A 38 -2.61 -1.35 -9.77
N LYS A 39 -2.82 -1.09 -11.06
CA LYS A 39 -2.87 0.28 -11.54
C LYS A 39 -3.98 0.91 -10.72
N ASP A 40 -4.86 0.00 -10.25
CA ASP A 40 -6.01 0.27 -9.39
C ASP A 40 -7.35 0.14 -10.14
N PRO A 41 -7.60 0.95 -11.18
CA PRO A 41 -8.86 0.88 -11.93
C PRO A 41 -8.85 -0.25 -12.97
N LEU A 42 -8.15 -0.02 -14.07
CA LEU A 42 -8.06 -1.01 -15.14
C LEU A 42 -6.87 -1.94 -14.94
N GLY A 43 -5.69 -1.35 -14.84
CA GLY A 43 -4.47 -2.13 -14.67
C GLY A 43 -3.43 -1.76 -15.70
N ARG A 44 -3.32 -0.47 -16.00
CA ARG A 44 -2.38 0.01 -16.99
C ARG A 44 -1.07 0.54 -16.38
N ASP A 45 -0.70 1.78 -16.73
CA ASP A 45 0.54 2.38 -16.25
C ASP A 45 0.39 3.09 -14.91
N SER A 46 1.54 3.44 -14.33
CA SER A 46 1.60 4.09 -13.02
C SER A 46 1.41 3.04 -11.95
N ASP A 47 1.96 3.28 -10.77
CA ASP A 47 1.85 2.29 -9.72
C ASP A 47 1.27 2.84 -8.42
N TRP A 48 -0.02 2.56 -8.22
CA TRP A 48 -0.74 2.96 -7.02
C TRP A 48 -1.35 1.70 -6.44
N TRP A 49 -0.75 1.19 -5.37
CA TRP A 49 -1.24 -0.06 -4.79
C TRP A 49 -1.92 0.15 -3.45
N LYS A 50 -2.94 -0.66 -3.23
CA LYS A 50 -3.72 -0.63 -2.01
C LYS A 50 -3.31 -1.81 -1.13
N VAL A 51 -3.19 -1.58 0.16
CA VAL A 51 -2.78 -2.65 1.05
C VAL A 51 -3.70 -2.81 2.25
N ARG A 52 -3.57 -3.96 2.89
CA ARG A 52 -4.34 -4.30 4.07
C ARG A 52 -3.39 -4.72 5.17
N THR A 53 -3.48 -4.04 6.32
CA THR A 53 -2.59 -4.33 7.44
C THR A 53 -3.34 -5.01 8.57
N LYS A 54 -2.97 -6.27 8.84
CA LYS A 54 -3.58 -7.05 9.91
C LYS A 54 -5.10 -6.94 9.88
N ASN A 55 -5.67 -6.83 8.69
CA ASN A 55 -7.11 -6.71 8.52
C ASN A 55 -7.64 -5.58 9.39
N GLY A 56 -6.91 -4.47 9.40
CA GLY A 56 -7.30 -3.31 10.19
C GLY A 56 -7.11 -2.01 9.45
N ASN A 57 -5.95 -1.85 8.81
CA ASN A 57 -5.67 -0.62 8.07
C ASN A 57 -5.60 -0.90 6.57
N ILE A 58 -6.72 -0.69 5.89
CA ILE A 58 -6.78 -0.92 4.45
C ILE A 58 -6.92 0.40 3.69
N GLY A 59 -5.94 0.70 2.86
CA GLY A 59 -5.97 1.93 2.08
C GLY A 59 -5.10 1.84 0.84
N TYR A 60 -4.60 2.99 0.38
CA TYR A 60 -3.75 3.00 -0.81
C TYR A 60 -2.32 3.35 -0.44
N ILE A 61 -1.41 3.22 -1.40
CA ILE A 61 -0.01 3.53 -1.19
C ILE A 61 0.83 3.25 -2.43
N PRO A 62 1.68 4.22 -2.84
CA PRO A 62 2.56 4.08 -3.98
C PRO A 62 3.28 2.73 -3.97
N TYR A 63 3.34 2.07 -5.12
CA TYR A 63 4.01 0.78 -5.20
C TYR A 63 5.50 0.92 -4.93
N ASN A 64 6.02 2.13 -5.13
CA ASN A 64 7.43 2.40 -4.91
C ASN A 64 7.76 2.41 -3.42
N TYR A 65 6.72 2.31 -2.59
CA TYR A 65 6.89 2.31 -1.14
C TYR A 65 6.57 0.94 -0.56
N ILE A 66 6.50 -0.06 -1.44
CA ILE A 66 6.20 -1.42 -1.00
C ILE A 66 6.85 -2.48 -1.90
N GLU A 67 7.42 -3.51 -1.28
CA GLU A 67 8.07 -4.59 -2.01
C GLU A 67 7.04 -5.66 -2.38
N ILE A 68 7.40 -6.55 -3.29
CA ILE A 68 6.50 -7.61 -3.73
C ILE A 68 7.03 -8.98 -3.32
N ILE A 69 6.22 -9.72 -2.57
CA ILE A 69 6.60 -11.06 -2.11
C ILE A 69 5.67 -12.12 -2.70
N PHE A 9 2.60 -11.82 0.01
CA PHE A 9 1.87 -10.65 -0.45
C PHE A 9 2.82 -9.49 -0.74
N ALA A 10 2.88 -8.53 0.18
CA ALA A 10 3.75 -7.38 0.00
C ALA A 10 4.44 -7.00 1.30
N ARG A 11 5.46 -6.15 1.19
CA ARG A 11 6.21 -5.69 2.33
C ARG A 11 6.30 -4.17 2.31
N ALA A 12 6.73 -3.57 3.41
CA ALA A 12 6.85 -2.12 3.50
C ALA A 12 8.29 -1.68 3.32
N LEU A 13 8.53 -0.89 2.27
CA LEU A 13 9.85 -0.37 1.96
C LEU A 13 10.24 0.71 2.95
N TYR A 14 9.68 1.90 2.74
CA TYR A 14 9.95 3.04 3.62
C TYR A 14 8.74 3.32 4.50
N ASP A 15 8.98 3.92 5.67
CA ASP A 15 7.91 4.25 6.59
C ASP A 15 6.82 5.06 5.88
N PHE A 16 5.69 4.42 5.58
CA PHE A 16 4.60 5.10 4.89
C PHE A 16 3.77 5.91 5.88
N VAL A 17 3.01 6.88 5.38
CA VAL A 17 2.18 7.73 6.22
C VAL A 17 1.00 8.29 5.44
N PRO A 18 -0.19 8.35 6.06
CA PRO A 18 -1.40 8.87 5.41
C PRO A 18 -1.18 10.21 4.72
N GLU A 19 -1.07 10.17 3.39
CA GLU A 19 -0.88 11.39 2.61
C GLU A 19 -1.95 12.40 2.97
N ASN A 20 -3.16 11.89 3.22
CA ASN A 20 -4.28 12.75 3.60
C ASN A 20 -4.94 12.19 4.85
N PRO A 21 -5.25 13.04 5.84
CA PRO A 21 -5.88 12.61 7.08
C PRO A 21 -7.35 12.28 6.89
N GLU A 22 -7.66 11.60 5.80
CA GLU A 22 -9.03 11.21 5.48
C GLU A 22 -9.12 9.74 5.11
N MET A 23 -8.09 9.23 4.42
CA MET A 23 -8.10 7.82 4.01
C MET A 23 -6.71 7.33 3.57
N GLU A 24 -6.03 6.63 4.47
CA GLU A 24 -4.72 6.06 4.14
C GLU A 24 -4.23 5.12 5.23
N VAL A 25 -3.18 4.38 4.92
CA VAL A 25 -2.60 3.43 5.86
C VAL A 25 -1.22 3.90 6.33
N ALA A 26 -0.81 3.48 7.52
CA ALA A 26 0.49 3.85 8.06
C ALA A 26 1.46 2.67 7.98
N LEU A 27 2.73 2.97 7.72
CA LEU A 27 3.75 1.94 7.61
C LEU A 27 5.04 2.36 8.30
N LYS A 28 5.60 1.46 9.10
CA LYS A 28 6.86 1.72 9.79
C LYS A 28 7.98 0.96 9.10
N LYS A 29 8.84 1.70 8.40
CA LYS A 29 9.98 1.12 7.66
C LYS A 29 10.28 -0.31 8.07
N GLY A 30 10.15 -1.22 7.11
CA GLY A 30 10.39 -2.62 7.38
C GLY A 30 9.09 -3.35 7.65
N ASP A 31 8.01 -2.59 7.76
CA ASP A 31 6.71 -3.14 8.03
C ASP A 31 6.30 -4.11 6.92
N LEU A 32 5.08 -4.63 7.01
CA LEU A 32 4.59 -5.55 5.98
C LEU A 32 3.15 -5.22 5.62
N MET A 33 2.71 -5.62 4.43
CA MET A 33 1.36 -5.32 3.97
C MET A 33 0.89 -6.27 2.86
N ALA A 34 -0.43 -6.43 2.75
CA ALA A 34 -1.01 -7.28 1.72
C ALA A 34 -1.72 -6.42 0.68
N ILE A 35 -1.19 -6.39 -0.55
CA ILE A 35 -1.78 -5.55 -1.58
C ILE A 35 -2.67 -6.35 -2.50
N LEU A 36 -3.73 -5.71 -2.97
CA LEU A 36 -4.71 -6.37 -3.83
C LEU A 36 -4.87 -5.65 -5.18
N SER A 37 -5.51 -4.48 -5.15
CA SER A 37 -5.75 -3.71 -6.37
C SER A 37 -4.46 -3.45 -7.14
N LYS A 38 -4.63 -3.05 -8.40
CA LYS A 38 -3.50 -2.76 -9.28
C LYS A 38 -3.58 -1.29 -9.68
N LYS A 39 -3.66 -1.00 -10.98
CA LYS A 39 -3.79 0.37 -11.42
C LYS A 39 -5.20 0.85 -11.11
N ASP A 40 -5.92 0.04 -10.31
CA ASP A 40 -7.29 0.33 -9.92
C ASP A 40 -8.24 0.03 -11.09
N PRO A 41 -9.58 0.25 -10.94
CA PRO A 41 -10.55 -0.01 -12.01
C PRO A 41 -9.92 0.08 -13.39
N LEU A 42 -9.15 1.13 -13.62
CA LEU A 42 -8.44 1.30 -14.89
C LEU A 42 -7.07 0.65 -14.77
N GLY A 43 -7.03 -0.67 -14.94
CA GLY A 43 -5.79 -1.41 -14.82
C GLY A 43 -4.76 -1.06 -15.87
N ARG A 44 -4.21 0.14 -15.76
CA ARG A 44 -3.20 0.61 -16.69
C ARG A 44 -1.81 0.55 -16.09
N ASP A 45 -0.92 1.38 -16.62
CA ASP A 45 0.45 1.43 -16.14
C ASP A 45 0.65 2.58 -15.15
N SER A 46 1.15 2.21 -13.96
CA SER A 46 1.42 3.16 -12.88
C SER A 46 1.63 2.40 -11.59
N ASP A 47 2.34 2.98 -10.63
CA ASP A 47 2.59 2.31 -9.37
C ASP A 47 1.75 2.89 -8.24
N TRP A 48 0.60 2.26 -8.00
CA TRP A 48 -0.32 2.68 -6.95
C TRP A 48 -1.31 1.56 -6.68
N TRP A 49 -1.16 0.90 -5.54
CA TRP A 49 -2.04 -0.20 -5.19
C TRP A 49 -2.76 0.02 -3.87
N LYS A 50 -3.74 -0.83 -3.62
CA LYS A 50 -4.50 -0.77 -2.38
C LYS A 50 -3.96 -1.87 -1.47
N VAL A 51 -4.09 -1.70 -0.17
CA VAL A 51 -3.53 -2.68 0.74
C VAL A 51 -4.28 -2.84 2.06
N ARG A 52 -4.05 -3.99 2.67
CA ARG A 52 -4.60 -4.34 3.97
C ARG A 52 -3.45 -4.79 4.87
N THR A 53 -3.16 -4.01 5.90
CA THR A 53 -2.05 -4.32 6.80
C THR A 53 -2.56 -4.88 8.12
N LYS A 54 -2.01 -6.04 8.49
CA LYS A 54 -2.40 -6.70 9.73
C LYS A 54 -3.92 -6.78 9.81
N ASN A 55 -4.56 -6.67 8.64
CA ASN A 55 -6.01 -6.71 8.55
C ASN A 55 -6.62 -5.64 9.45
N GLY A 56 -6.03 -4.45 9.38
CA GLY A 56 -6.49 -3.33 10.18
C GLY A 56 -6.41 -2.01 9.43
N ASN A 57 -5.30 -1.80 8.71
CA ASN A 57 -5.12 -0.57 7.95
C ASN A 57 -5.37 -0.81 6.46
N ILE A 58 -6.57 -0.45 6.01
CA ILE A 58 -6.94 -0.63 4.60
C ILE A 58 -7.00 0.70 3.87
N GLY A 59 -6.48 0.72 2.65
CA GLY A 59 -6.47 1.92 1.85
C GLY A 59 -5.63 1.75 0.60
N TYR A 60 -4.80 2.74 0.30
CA TYR A 60 -3.93 2.66 -0.87
C TYR A 60 -2.47 2.72 -0.46
N ILE A 61 -1.57 2.61 -1.42
CA ILE A 61 -0.14 2.64 -1.14
C ILE A 61 0.68 2.61 -2.43
N PRO A 62 1.49 3.65 -2.67
CA PRO A 62 2.35 3.73 -3.86
C PRO A 62 3.19 2.47 -4.00
N TYR A 63 3.31 1.94 -5.22
CA TYR A 63 4.10 0.71 -5.39
C TYR A 63 5.57 0.96 -5.08
N ASN A 64 5.99 2.21 -5.15
CA ASN A 64 7.39 2.57 -4.88
C ASN A 64 7.68 2.57 -3.38
N TYR A 65 6.73 2.09 -2.58
CA TYR A 65 6.90 2.06 -1.13
C TYR A 65 6.56 0.69 -0.57
N ILE A 66 6.49 -0.32 -1.45
CA ILE A 66 6.17 -1.68 -1.02
C ILE A 66 6.95 -2.72 -1.82
N GLU A 67 7.51 -3.69 -1.10
CA GLU A 67 8.29 -4.76 -1.73
C GLU A 67 7.43 -6.00 -1.95
N ILE A 68 7.19 -6.33 -3.21
CA ILE A 68 6.38 -7.50 -3.55
C ILE A 68 7.14 -8.79 -3.25
N ILE A 69 6.42 -9.75 -2.67
CA ILE A 69 7.02 -11.04 -2.33
C ILE A 69 6.43 -12.17 -3.18
N PHE A 9 2.86 -11.64 0.42
CA PHE A 9 2.04 -10.57 -0.14
C PHE A 9 2.88 -9.34 -0.48
N ALA A 10 2.85 -8.36 0.40
CA ALA A 10 3.61 -7.12 0.19
C ALA A 10 4.40 -6.73 1.43
N ARG A 11 5.48 -6.01 1.21
CA ARG A 11 6.32 -5.54 2.30
C ARG A 11 6.46 -4.03 2.22
N ALA A 12 6.80 -3.41 3.33
CA ALA A 12 6.96 -1.96 3.35
C ALA A 12 8.44 -1.58 3.29
N LEU A 13 8.87 -1.13 2.11
CA LEU A 13 10.24 -0.72 1.91
C LEU A 13 10.57 0.50 2.74
N TYR A 14 9.69 1.49 2.67
CA TYR A 14 9.87 2.73 3.43
C TYR A 14 8.61 3.05 4.23
N ASP A 15 8.80 3.62 5.42
CA ASP A 15 7.68 3.98 6.28
C ASP A 15 6.69 4.88 5.54
N PHE A 16 5.47 4.37 5.33
CA PHE A 16 4.46 5.15 4.62
C PHE A 16 3.57 5.91 5.61
N VAL A 17 2.84 6.90 5.11
CA VAL A 17 1.97 7.72 5.94
C VAL A 17 0.80 8.26 5.12
N PRO A 18 -0.43 8.26 5.69
CA PRO A 18 -1.63 8.74 5.00
C PRO A 18 -1.41 10.07 4.28
N GLU A 19 -1.51 10.04 2.96
CA GLU A 19 -1.35 11.26 2.16
C GLU A 19 -2.36 12.29 2.63
N ASN A 20 -3.57 11.83 2.92
CA ASN A 20 -4.64 12.70 3.40
C ASN A 20 -5.24 12.11 4.66
N PRO A 21 -5.56 12.96 5.65
CA PRO A 21 -6.14 12.50 6.92
C PRO A 21 -7.61 12.13 6.76
N GLU A 22 -7.90 11.32 5.74
CA GLU A 22 -9.26 10.90 5.47
C GLU A 22 -9.33 9.42 5.14
N MET A 23 -8.33 8.91 4.41
CA MET A 23 -8.32 7.50 4.04
C MET A 23 -6.96 7.03 3.52
N GLU A 24 -6.18 6.39 4.38
CA GLU A 24 -4.89 5.84 3.99
C GLU A 24 -4.30 4.97 5.09
N VAL A 25 -3.25 4.24 4.73
CA VAL A 25 -2.58 3.36 5.67
C VAL A 25 -1.25 3.96 6.11
N ALA A 26 -0.85 3.69 7.35
CA ALA A 26 0.40 4.19 7.88
C ALA A 26 1.43 3.06 7.97
N LEU A 27 2.45 3.12 7.13
CA LEU A 27 3.48 2.08 7.12
C LEU A 27 4.76 2.55 7.79
N LYS A 28 5.54 1.58 8.26
CA LYS A 28 6.80 1.85 8.92
C LYS A 28 7.86 0.84 8.48
N LYS A 29 8.92 1.34 7.84
CA LYS A 29 10.02 0.52 7.33
C LYS A 29 10.04 -0.87 7.95
N GLY A 30 9.89 -1.88 7.10
CA GLY A 30 9.89 -3.25 7.56
C GLY A 30 8.49 -3.79 7.74
N ASP A 31 7.51 -2.88 7.72
CA ASP A 31 6.13 -3.24 7.87
C ASP A 31 5.66 -4.09 6.70
N LEU A 32 5.16 -5.29 6.95
CA LEU A 32 4.72 -6.13 5.84
C LEU A 32 3.20 -6.10 5.73
N MET A 33 2.69 -5.69 4.56
CA MET A 33 1.25 -5.59 4.34
C MET A 33 0.79 -6.44 3.15
N ALA A 34 -0.51 -6.66 3.02
CA ALA A 34 -1.05 -7.46 1.94
C ALA A 34 -1.67 -6.57 0.87
N ILE A 35 -1.26 -6.75 -0.38
CA ILE A 35 -1.78 -5.92 -1.47
C ILE A 35 -2.87 -6.63 -2.23
N LEU A 36 -3.91 -5.87 -2.58
CA LEU A 36 -5.05 -6.41 -3.28
C LEU A 36 -5.27 -5.72 -4.62
N SER A 37 -5.70 -4.45 -4.57
CA SER A 37 -5.95 -3.68 -5.79
C SER A 37 -4.69 -3.49 -6.62
N LYS A 38 -4.88 -2.94 -7.81
CA LYS A 38 -3.78 -2.67 -8.73
C LYS A 38 -3.89 -1.23 -9.17
N LYS A 39 -4.16 -1.00 -10.46
CA LYS A 39 -4.38 0.36 -10.91
C LYS A 39 -5.52 0.90 -10.06
N ASP A 40 -6.29 -0.09 -9.57
CA ASP A 40 -7.43 0.08 -8.68
C ASP A 40 -8.76 0.20 -9.45
N PRO A 41 -9.09 1.36 -10.08
CA PRO A 41 -10.34 1.50 -10.83
C PRO A 41 -10.19 1.21 -12.32
N LEU A 42 -9.10 1.69 -12.91
CA LEU A 42 -8.85 1.49 -14.33
C LEU A 42 -8.25 0.11 -14.60
N GLY A 43 -7.46 -0.39 -13.67
CA GLY A 43 -6.83 -1.69 -13.84
C GLY A 43 -5.68 -1.64 -14.82
N ARG A 44 -5.38 -0.44 -15.30
CA ARG A 44 -4.28 -0.23 -16.24
C ARG A 44 -2.94 -0.48 -15.57
N ASP A 45 -2.06 0.53 -15.54
CA ASP A 45 -0.77 0.37 -14.93
C ASP A 45 -0.54 1.34 -13.77
N SER A 46 0.34 2.33 -13.96
CA SER A 46 0.67 3.31 -12.93
C SER A 46 1.16 2.62 -11.66
N ASP A 47 1.89 3.35 -10.81
CA ASP A 47 2.37 2.76 -9.58
C ASP A 47 1.54 3.25 -8.40
N TRP A 48 0.55 2.47 -8.03
CA TRP A 48 -0.34 2.81 -6.92
C TRP A 48 -1.19 1.60 -6.53
N TRP A 49 -0.90 1.01 -5.39
CA TRP A 49 -1.65 -0.16 -4.95
C TRP A 49 -2.29 0.06 -3.59
N LYS A 50 -3.22 -0.81 -3.27
CA LYS A 50 -3.92 -0.77 -2.00
C LYS A 50 -3.45 -1.93 -1.14
N VAL A 51 -3.32 -1.71 0.16
CA VAL A 51 -2.85 -2.75 1.06
C VAL A 51 -3.66 -2.82 2.35
N ARG A 52 -3.69 -4.01 2.94
CA ARG A 52 -4.37 -4.24 4.19
C ARG A 52 -3.34 -4.55 5.26
N THR A 53 -3.33 -3.75 6.33
CA THR A 53 -2.35 -3.93 7.40
C THR A 53 -3.01 -4.49 8.65
N LYS A 54 -2.31 -5.42 9.31
CA LYS A 54 -2.82 -6.06 10.52
C LYS A 54 -4.28 -6.46 10.36
N ASN A 55 -4.66 -6.76 9.12
CA ASN A 55 -6.03 -7.16 8.80
C ASN A 55 -7.02 -6.10 9.26
N GLY A 56 -6.78 -4.84 8.88
CA GLY A 56 -7.68 -3.78 9.28
C GLY A 56 -7.41 -2.46 8.56
N ASN A 57 -6.15 -2.04 8.49
CA ASN A 57 -5.81 -0.79 7.82
C ASN A 57 -5.82 -0.99 6.31
N ILE A 58 -7.01 -0.97 5.73
CA ILE A 58 -7.16 -1.15 4.29
C ILE A 58 -7.21 0.18 3.56
N GLY A 59 -6.08 0.58 2.99
CA GLY A 59 -6.01 1.83 2.27
C GLY A 59 -5.19 1.70 1.01
N TYR A 60 -4.60 2.82 0.56
CA TYR A 60 -3.78 2.79 -0.65
C TYR A 60 -2.31 2.99 -0.29
N ILE A 61 -1.45 2.90 -1.30
CA ILE A 61 -0.02 3.07 -1.10
C ILE A 61 0.72 3.12 -2.44
N PRO A 62 1.40 4.25 -2.73
CA PRO A 62 2.16 4.42 -3.97
C PRO A 62 3.15 3.29 -4.17
N TYR A 63 3.25 2.76 -5.39
CA TYR A 63 4.19 1.68 -5.63
C TYR A 63 5.62 2.20 -5.63
N ASN A 64 6.24 2.17 -4.45
CA ASN A 64 7.61 2.64 -4.27
C ASN A 64 8.07 2.39 -2.83
N TYR A 65 7.17 2.63 -1.88
CA TYR A 65 7.47 2.43 -0.47
C TYR A 65 7.09 1.02 -0.03
N ILE A 66 6.77 0.16 -1.00
CA ILE A 66 6.38 -1.21 -0.70
C ILE A 66 6.99 -2.20 -1.68
N GLU A 67 7.62 -3.24 -1.15
CA GLU A 67 8.23 -4.27 -1.98
C GLU A 67 7.21 -5.35 -2.31
N ILE A 68 7.55 -6.23 -3.23
CA ILE A 68 6.66 -7.31 -3.63
C ILE A 68 7.24 -8.67 -3.26
N ILE A 69 6.44 -9.51 -2.61
CA ILE A 69 6.90 -10.83 -2.19
C ILE A 69 6.00 -11.93 -2.75
N PHE A 9 2.83 -11.83 0.52
CA PHE A 9 2.01 -10.75 0.00
C PHE A 9 2.87 -9.54 -0.37
N ALA A 10 3.09 -8.65 0.59
CA ALA A 10 3.89 -7.45 0.34
C ALA A 10 4.66 -7.01 1.57
N ARG A 11 5.64 -6.15 1.34
CA ARG A 11 6.46 -5.61 2.41
C ARG A 11 6.57 -4.10 2.26
N ALA A 12 6.99 -3.43 3.31
CA ALA A 12 7.12 -1.97 3.27
C ALA A 12 8.58 -1.54 3.08
N LEU A 13 8.83 -0.89 1.94
CA LEU A 13 10.16 -0.39 1.62
C LEU A 13 10.58 0.64 2.66
N TYR A 14 9.77 1.70 2.75
CA TYR A 14 10.02 2.77 3.70
C TYR A 14 8.75 3.09 4.48
N ASP A 15 8.92 3.69 5.64
CA ASP A 15 7.79 4.04 6.49
C ASP A 15 6.75 4.85 5.73
N PHE A 16 5.61 4.21 5.39
CA PHE A 16 4.56 4.90 4.67
C PHE A 16 3.61 5.57 5.67
N VAL A 17 2.84 6.56 5.20
CA VAL A 17 1.91 7.26 6.07
C VAL A 17 0.73 7.80 5.28
N PRO A 18 -0.50 7.63 5.82
CA PRO A 18 -1.73 8.10 5.18
C PRO A 18 -1.57 9.45 4.49
N GLU A 19 -1.40 9.43 3.17
CA GLU A 19 -1.24 10.65 2.39
C GLU A 19 -2.41 11.60 2.68
N ASN A 20 -3.61 11.03 2.78
CA ASN A 20 -4.79 11.81 3.08
C ASN A 20 -5.50 11.25 4.30
N PRO A 21 -5.98 12.12 5.21
CA PRO A 21 -6.67 11.69 6.41
C PRO A 21 -8.09 11.22 6.11
N GLU A 22 -8.23 10.47 5.03
CA GLU A 22 -9.52 9.95 4.61
C GLU A 22 -9.45 8.47 4.30
N MET A 23 -8.41 8.05 3.58
CA MET A 23 -8.25 6.65 3.23
C MET A 23 -6.81 6.29 2.86
N GLU A 24 -6.09 5.70 3.80
CA GLU A 24 -4.71 5.27 3.55
C GLU A 24 -4.18 4.44 4.70
N VAL A 25 -3.03 3.81 4.48
CA VAL A 25 -2.41 2.97 5.50
C VAL A 25 -1.13 3.60 6.07
N ALA A 26 -0.86 3.29 7.33
CA ALA A 26 0.33 3.80 8.00
C ALA A 26 1.38 2.69 8.12
N LEU A 27 2.44 2.79 7.33
CA LEU A 27 3.49 1.77 7.32
C LEU A 27 4.75 2.23 8.04
N LYS A 28 5.32 1.33 8.85
CA LYS A 28 6.55 1.60 9.57
C LYS A 28 7.69 0.81 8.95
N LYS A 29 8.60 1.52 8.28
CA LYS A 29 9.77 0.91 7.61
C LYS A 29 10.01 -0.53 8.02
N GLY A 30 9.98 -1.42 7.03
CA GLY A 30 10.19 -2.83 7.27
C GLY A 30 8.88 -3.55 7.51
N ASP A 31 7.81 -2.77 7.65
CA ASP A 31 6.50 -3.30 7.88
C ASP A 31 6.04 -4.14 6.70
N LEU A 32 5.60 -5.37 6.96
CA LEU A 32 5.13 -6.20 5.85
C LEU A 32 3.61 -6.21 5.82
N MET A 33 3.03 -5.96 4.65
CA MET A 33 1.58 -5.90 4.49
C MET A 33 1.08 -6.65 3.26
N ALA A 34 -0.23 -6.81 3.14
CA ALA A 34 -0.80 -7.52 1.99
C ALA A 34 -1.39 -6.56 0.97
N ILE A 35 -1.19 -6.89 -0.31
CA ILE A 35 -1.69 -6.04 -1.41
C ILE A 35 -2.94 -6.66 -2.04
N LEU A 36 -3.95 -5.83 -2.27
CA LEU A 36 -5.20 -6.30 -2.86
C LEU A 36 -5.68 -5.38 -3.99
N SER A 37 -4.75 -4.72 -4.67
CA SER A 37 -5.11 -3.82 -5.77
C SER A 37 -4.05 -3.78 -6.84
N LYS A 38 -4.48 -3.35 -8.02
CA LYS A 38 -3.63 -3.21 -9.17
C LYS A 38 -3.42 -1.73 -9.39
N LYS A 39 -3.50 -1.25 -10.64
CA LYS A 39 -3.43 0.18 -10.85
C LYS A 39 -4.52 0.78 -9.97
N ASP A 40 -5.46 -0.14 -9.66
CA ASP A 40 -6.62 0.08 -8.78
C ASP A 40 -7.91 0.24 -9.58
N PRO A 41 -8.06 1.29 -10.42
CA PRO A 41 -9.26 1.53 -11.20
C PRO A 41 -9.16 0.98 -12.63
N LEU A 42 -8.66 1.80 -13.55
CA LEU A 42 -8.51 1.41 -14.94
C LEU A 42 -7.63 0.18 -15.09
N GLY A 43 -6.72 -0.02 -14.14
CA GLY A 43 -5.82 -1.15 -14.20
C GLY A 43 -4.65 -0.91 -15.13
N ARG A 44 -4.25 0.34 -15.26
CA ARG A 44 -3.13 0.72 -16.12
C ARG A 44 -1.81 0.22 -15.57
N ASP A 45 -0.71 0.88 -15.97
CA ASP A 45 0.62 0.49 -15.54
C ASP A 45 1.17 1.38 -14.43
N SER A 46 0.57 2.57 -14.24
CA SER A 46 1.03 3.49 -13.21
C SER A 46 1.17 2.75 -11.88
N ASP A 47 1.91 3.34 -10.93
CA ASP A 47 2.13 2.69 -9.66
C ASP A 47 1.28 3.28 -8.53
N TRP A 48 0.21 2.57 -8.21
CA TRP A 48 -0.72 2.96 -7.15
C TRP A 48 -1.52 1.74 -6.70
N TRP A 49 -1.16 1.21 -5.54
CA TRP A 49 -1.83 0.01 -5.03
C TRP A 49 -2.49 0.25 -3.68
N LYS A 50 -3.54 -0.51 -3.44
CA LYS A 50 -4.27 -0.46 -2.19
C LYS A 50 -3.88 -1.69 -1.36
N VAL A 51 -3.61 -1.50 -0.08
CA VAL A 51 -3.18 -2.61 0.76
C VAL A 51 -3.90 -2.66 2.09
N ARG A 52 -3.83 -3.83 2.72
CA ARG A 52 -4.42 -4.08 4.01
C ARG A 52 -3.33 -4.44 5.02
N THR A 53 -3.36 -3.78 6.17
CA THR A 53 -2.36 -4.03 7.21
C THR A 53 -3.00 -4.59 8.46
N LYS A 54 -2.41 -5.67 8.99
CA LYS A 54 -2.91 -6.32 10.19
C LYS A 54 -4.42 -6.53 10.10
N ASN A 55 -4.91 -6.65 8.87
CA ASN A 55 -6.34 -6.85 8.62
C ASN A 55 -7.16 -5.69 9.19
N GLY A 56 -6.69 -4.47 8.95
CA GLY A 56 -7.39 -3.30 9.45
C GLY A 56 -7.11 -2.05 8.64
N ASN A 57 -5.83 -1.72 8.45
CA ASN A 57 -5.49 -0.52 7.69
C ASN A 57 -5.63 -0.80 6.20
N ILE A 58 -6.83 -0.58 5.68
CA ILE A 58 -7.12 -0.82 4.28
C ILE A 58 -7.25 0.49 3.53
N GLY A 59 -6.16 0.86 2.84
CA GLY A 59 -6.16 2.09 2.08
C GLY A 59 -5.32 1.97 0.82
N TYR A 60 -4.76 3.08 0.35
CA TYR A 60 -3.93 3.05 -0.84
C TYR A 60 -2.48 3.33 -0.51
N ILE A 61 -1.61 3.18 -1.49
CA ILE A 61 -0.18 3.42 -1.31
C ILE A 61 0.58 3.30 -2.62
N PRO A 62 1.28 4.38 -3.02
CA PRO A 62 2.09 4.40 -4.23
C PRO A 62 2.86 3.10 -4.43
N TYR A 63 2.81 2.52 -5.62
CA TYR A 63 3.54 1.28 -5.87
C TYR A 63 5.04 1.57 -6.02
N ASN A 64 5.73 1.48 -4.89
CA ASN A 64 7.17 1.73 -4.82
C ASN A 64 7.61 1.70 -3.35
N TYR A 65 6.74 2.22 -2.48
CA TYR A 65 7.01 2.25 -1.05
C TYR A 65 6.82 0.87 -0.44
N ILE A 66 6.50 -0.11 -1.29
CA ILE A 66 6.28 -1.48 -0.85
C ILE A 66 6.87 -2.49 -1.83
N GLU A 67 7.53 -3.52 -1.30
CA GLU A 67 8.14 -4.55 -2.12
C GLU A 67 7.16 -5.70 -2.37
N ILE A 68 7.39 -6.44 -3.44
CA ILE A 68 6.54 -7.58 -3.77
C ILE A 68 7.08 -8.84 -3.13
N ILE A 69 6.28 -9.46 -2.27
CA ILE A 69 6.71 -10.66 -1.57
C ILE A 69 5.67 -11.78 -1.68
N PHE A 9 2.24 -11.89 -0.52
CA PHE A 9 1.65 -10.64 -1.00
C PHE A 9 2.70 -9.54 -1.07
N ALA A 10 2.86 -8.75 -0.04
CA ALA A 10 3.86 -7.73 -0.12
C ALA A 10 4.42 -7.32 1.24
N ARG A 11 5.51 -6.58 1.18
CA ARG A 11 6.16 -6.06 2.36
C ARG A 11 6.22 -4.55 2.25
N ALA A 12 6.48 -3.90 3.36
CA ALA A 12 6.52 -2.44 3.38
C ALA A 12 7.95 -1.90 3.42
N LEU A 13 8.40 -1.34 2.29
CA LEU A 13 9.73 -0.74 2.24
C LEU A 13 9.60 0.77 2.30
N TYR A 14 10.22 1.36 3.31
CA TYR A 14 10.16 2.81 3.52
C TYR A 14 8.81 3.18 4.14
N ASP A 15 8.85 3.57 5.41
CA ASP A 15 7.65 3.95 6.16
C ASP A 15 6.68 4.77 5.33
N PHE A 16 5.48 4.22 5.04
CA PHE A 16 4.50 4.94 4.27
C PHE A 16 3.61 5.78 5.20
N VAL A 17 2.84 6.72 4.63
CA VAL A 17 1.97 7.58 5.41
C VAL A 17 0.73 7.96 4.62
N PRO A 18 -0.44 8.06 5.30
CA PRO A 18 -1.70 8.42 4.65
C PRO A 18 -1.54 9.49 3.58
N GLU A 19 -1.44 9.06 2.33
CA GLU A 19 -1.30 9.98 1.20
C GLU A 19 -2.43 10.99 1.21
N ASN A 20 -3.60 10.57 1.73
CA ASN A 20 -4.75 11.44 1.81
C ASN A 20 -5.39 11.32 3.19
N PRO A 21 -5.70 12.46 3.83
CA PRO A 21 -6.31 12.47 5.16
C PRO A 21 -7.79 12.10 5.10
N GLU A 22 -8.09 11.12 4.26
CA GLU A 22 -9.45 10.64 4.10
C GLU A 22 -9.47 9.12 4.04
N MET A 23 -8.51 8.54 3.34
CA MET A 23 -8.42 7.10 3.21
C MET A 23 -7.05 6.64 2.77
N GLU A 24 -6.25 6.16 3.72
CA GLU A 24 -4.92 5.64 3.43
C GLU A 24 -4.36 4.91 4.64
N VAL A 25 -3.28 4.17 4.42
CA VAL A 25 -2.66 3.40 5.49
C VAL A 25 -1.31 4.00 5.91
N ALA A 26 -0.95 3.79 7.18
CA ALA A 26 0.31 4.27 7.72
C ALA A 26 1.27 3.10 7.88
N LEU A 27 2.34 3.08 7.07
CA LEU A 27 3.31 1.99 7.12
C LEU A 27 4.59 2.41 7.81
N LYS A 28 5.09 1.54 8.69
CA LYS A 28 6.34 1.80 9.40
C LYS A 28 7.44 0.95 8.80
N LYS A 29 8.43 1.62 8.21
CA LYS A 29 9.57 0.96 7.55
C LYS A 29 9.77 -0.48 8.02
N GLY A 30 9.62 -1.43 7.10
CA GLY A 30 9.79 -2.82 7.42
C GLY A 30 8.47 -3.54 7.65
N ASP A 31 7.38 -2.78 7.66
CA ASP A 31 6.07 -3.34 7.88
C ASP A 31 5.78 -4.39 6.81
N LEU A 32 4.67 -5.11 6.93
CA LEU A 32 4.31 -6.14 5.95
C LEU A 32 2.81 -6.11 5.68
N MET A 33 2.41 -6.25 4.41
CA MET A 33 0.99 -6.19 4.05
C MET A 33 0.65 -6.94 2.78
N ALA A 34 -0.66 -7.08 2.55
CA ALA A 34 -1.16 -7.73 1.36
C ALA A 34 -1.65 -6.69 0.37
N ILE A 35 -1.38 -6.91 -0.92
CA ILE A 35 -1.78 -5.96 -1.96
C ILE A 35 -3.02 -6.45 -2.71
N LEU A 36 -3.92 -5.52 -3.01
CA LEU A 36 -5.16 -5.86 -3.69
C LEU A 36 -5.39 -4.97 -4.92
N SER A 37 -5.78 -3.71 -4.67
CA SER A 37 -6.06 -2.77 -5.75
C SER A 37 -4.79 -2.30 -6.46
N LYS A 38 -4.92 -2.01 -7.75
CA LYS A 38 -3.81 -1.55 -8.57
C LYS A 38 -4.31 -0.41 -9.45
N LYS A 39 -4.29 -0.60 -10.78
CA LYS A 39 -4.85 0.39 -11.68
C LYS A 39 -6.30 0.55 -11.23
N ASP A 40 -6.75 -0.53 -10.57
CA ASP A 40 -8.08 -0.69 -9.98
C ASP A 40 -8.84 -1.82 -10.68
N PRO A 41 -9.02 -1.74 -12.02
CA PRO A 41 -9.73 -2.77 -12.77
C PRO A 41 -8.79 -3.89 -13.21
N LEU A 42 -7.75 -3.52 -13.95
CA LEU A 42 -6.78 -4.48 -14.43
C LEU A 42 -5.42 -4.31 -13.75
N GLY A 43 -4.64 -3.34 -14.22
CA GLY A 43 -3.34 -3.07 -13.64
C GLY A 43 -2.45 -2.25 -14.55
N ARG A 44 -3.06 -1.34 -15.30
CA ARG A 44 -2.34 -0.49 -16.23
C ARG A 44 -1.91 0.84 -15.58
N ASP A 45 -2.56 1.94 -16.01
CA ASP A 45 -2.31 3.29 -15.54
C ASP A 45 -0.95 3.46 -14.83
N SER A 46 -0.94 4.22 -13.74
CA SER A 46 0.27 4.46 -12.99
C SER A 46 0.43 3.40 -11.90
N ASP A 47 1.32 3.64 -10.94
CA ASP A 47 1.54 2.69 -9.87
C ASP A 47 0.88 3.17 -8.58
N TRP A 48 -0.28 2.62 -8.28
CA TRP A 48 -1.04 2.96 -7.09
C TRP A 48 -1.76 1.73 -6.56
N TRP A 49 -1.25 1.16 -5.47
CA TRP A 49 -1.84 -0.05 -4.91
C TRP A 49 -2.40 0.17 -3.51
N LYS A 50 -3.48 -0.54 -3.22
CA LYS A 50 -4.12 -0.47 -1.91
C LYS A 50 -3.73 -1.72 -1.14
N VAL A 51 -3.39 -1.57 0.13
CA VAL A 51 -2.96 -2.72 0.93
C VAL A 51 -3.53 -2.73 2.34
N ARG A 52 -3.48 -3.93 2.94
CA ARG A 52 -3.92 -4.14 4.30
C ARG A 52 -2.72 -4.60 5.12
N THR A 53 -2.34 -3.80 6.11
CA THR A 53 -1.18 -4.13 6.94
C THR A 53 -1.61 -4.65 8.31
N LYS A 54 -0.92 -5.70 8.77
CA LYS A 54 -1.23 -6.31 10.06
C LYS A 54 -2.72 -6.58 10.16
N ASN A 55 -3.38 -6.66 9.00
CA ASN A 55 -4.81 -6.91 8.94
C ASN A 55 -5.58 -5.82 9.68
N GLY A 56 -5.22 -4.57 9.42
CA GLY A 56 -5.88 -3.46 10.07
C GLY A 56 -5.75 -2.15 9.33
N ASN A 57 -4.56 -1.82 8.84
CA ASN A 57 -4.37 -0.59 8.10
C ASN A 57 -4.71 -0.78 6.64
N ILE A 58 -5.97 -0.55 6.31
CA ILE A 58 -6.45 -0.71 4.95
C ILE A 58 -6.59 0.62 4.23
N GLY A 59 -5.74 0.84 3.24
CA GLY A 59 -5.76 2.07 2.48
C GLY A 59 -5.03 1.91 1.16
N TYR A 60 -4.53 3.01 0.60
CA TYR A 60 -3.80 2.94 -0.64
C TYR A 60 -2.36 3.36 -0.43
N ILE A 61 -1.52 3.16 -1.44
CA ILE A 61 -0.13 3.53 -1.34
C ILE A 61 0.61 3.42 -2.66
N PRO A 62 1.31 4.49 -3.07
CA PRO A 62 2.10 4.52 -4.28
C PRO A 62 2.96 3.27 -4.40
N TYR A 63 2.85 2.54 -5.50
CA TYR A 63 3.66 1.34 -5.67
C TYR A 63 5.14 1.72 -5.70
N ASN A 64 5.75 1.71 -4.52
CA ASN A 64 7.17 2.06 -4.37
C ASN A 64 7.63 1.91 -2.92
N TYR A 65 6.73 2.18 -1.97
CA TYR A 65 7.05 2.07 -0.56
C TYR A 65 6.67 0.70 0.00
N ILE A 66 6.35 -0.23 -0.89
CA ILE A 66 5.99 -1.58 -0.47
C ILE A 66 6.79 -2.62 -1.24
N GLU A 67 7.68 -3.30 -0.54
CA GLU A 67 8.54 -4.31 -1.14
C GLU A 67 7.78 -5.62 -1.36
N ILE A 68 7.29 -5.83 -2.58
CA ILE A 68 6.56 -7.06 -2.90
C ILE A 68 7.40 -8.26 -2.47
N ILE A 69 6.75 -9.34 -2.03
CA ILE A 69 7.53 -10.51 -1.60
C ILE A 69 7.99 -11.34 -2.79
#